data_1YOK
#
_entry.id   1YOK
#
_cell.length_a   59.938
_cell.length_b   67.199
_cell.length_c   79.569
_cell.angle_alpha   90.00
_cell.angle_beta   90.00
_cell.angle_gamma   90.00
#
_symmetry.space_group_name_H-M   'P 21 21 21'
#
loop_
_entity.id
_entity.type
_entity.pdbx_description
1 polymer 'Orphan nuclear receptor NR5A2'
2 polymer 'Nuclear receptor coactivator 2'
3 non-polymer '(2S)-3-{[{[(2S)-2,3-DIHYDROXYPROPYL]OXY}(HYDROXY)PHOSPHORYL]OXY}-2-[(6E)-HEXADEC-6-ENOYLOXY]PROPYL (8E)-OCTADEC-8-ENOATE'
4 water water
#
loop_
_entity_poly.entity_id
_entity_poly.type
_entity_poly.pdbx_seq_one_letter_code
_entity_poly.pdbx_strand_id
1 'polypeptide(L)'
;MKKHHHHHHLVPRGSIPHLILELLKCEPDEPQVQAKIMAYLQQEQANRSKHEKLSTFGLMCKMADQTLFSIVEWARSSIF
FRELKVDDQMKLLQNCWSELLILDHIYRQVVHGKEGSIFLVTGQQVDYSIIASQAGATLNNLMSHAQELVAKLRSLQFDQ
REFVCLKFLVLFSLDVKNLENFQLVEGVQEQVNAALLDYTMCNYPQQTEKFGQLLLRLPEIRAISMQAEEYLYYKHLNGD
VPYNNLLIEMLHAKRA
;
A
2 'polypeptide(L)' KENALLRYLLDKDD B,C
#
loop_
_chem_comp.id
_chem_comp.type
_chem_comp.name
_chem_comp.formula
P6L non-polymer '(2S)-3-{[{[(2S)-2,3-DIHYDROXYPROPYL]OXY}(HYDROXY)PHOSPHORYL]OXY}-2-[(6E)-HEXADEC-6-ENOYLOXY]PROPYL (8E)-OCTADEC-8-ENOATE' 'C40 H75 O10 P'
#
# COMPACT_ATOMS: atom_id res chain seq x y z
N SER A 15 -19.53 -13.03 -13.86
CA SER A 15 -19.85 -11.72 -14.49
C SER A 15 -19.20 -10.54 -13.74
N ILE A 16 -18.06 -10.10 -14.25
CA ILE A 16 -17.30 -8.98 -13.69
C ILE A 16 -17.75 -7.66 -14.33
N PRO A 17 -18.29 -6.73 -13.54
CA PRO A 17 -18.75 -5.43 -14.03
C PRO A 17 -17.78 -4.76 -15.01
N HIS A 18 -18.17 -3.64 -15.58
CA HIS A 18 -17.32 -2.93 -16.54
C HIS A 18 -16.09 -2.27 -15.92
N LEU A 19 -16.32 -1.53 -14.84
CA LEU A 19 -15.29 -0.79 -14.13
C LEU A 19 -14.20 -1.70 -13.58
N ILE A 20 -14.60 -2.73 -12.85
CA ILE A 20 -13.65 -3.66 -12.24
C ILE A 20 -12.65 -4.23 -13.25
N LEU A 21 -13.10 -4.48 -14.48
CA LEU A 21 -12.21 -5.01 -15.50
C LEU A 21 -11.14 -3.97 -15.85
N GLU A 22 -11.55 -2.70 -15.92
CA GLU A 22 -10.63 -1.61 -16.22
C GLU A 22 -9.54 -1.50 -15.16
N LEU A 23 -9.97 -1.32 -13.91
CA LEU A 23 -9.06 -1.21 -12.77
C LEU A 23 -8.18 -2.45 -12.71
N LEU A 24 -8.80 -3.60 -12.95
CA LEU A 24 -8.14 -4.89 -12.91
C LEU A 24 -6.92 -4.99 -13.86
N LYS A 25 -6.89 -4.11 -14.86
CA LYS A 25 -5.79 -4.08 -15.82
C LYS A 25 -4.64 -3.19 -15.38
N CYS A 26 -4.87 -2.35 -14.37
CA CYS A 26 -3.85 -1.44 -13.85
C CYS A 26 -2.93 -2.14 -12.85
N GLU A 27 -3.27 -3.39 -12.51
CA GLU A 27 -2.49 -4.18 -11.58
C GLU A 27 -1.12 -4.46 -12.16
N PRO A 28 -0.06 -4.08 -11.43
CA PRO A 28 1.30 -4.32 -11.93
C PRO A 28 1.57 -5.79 -12.17
N ASP A 29 2.73 -6.08 -12.73
CA ASP A 29 3.13 -7.45 -12.98
C ASP A 29 3.67 -7.95 -11.66
N GLU A 30 2.86 -8.69 -10.93
CA GLU A 30 3.30 -9.19 -9.64
C GLU A 30 4.65 -9.90 -9.70
N PRO A 31 4.80 -10.91 -10.59
CA PRO A 31 6.10 -11.61 -10.69
C PRO A 31 7.27 -10.67 -10.96
N GLN A 32 7.06 -9.70 -11.84
CA GLN A 32 8.09 -8.76 -12.20
C GLN A 32 8.56 -7.86 -11.06
N VAL A 33 7.62 -7.42 -10.23
CA VAL A 33 7.97 -6.56 -9.11
C VAL A 33 8.86 -7.24 -8.08
N GLN A 34 8.61 -8.52 -7.83
CA GLN A 34 9.41 -9.29 -6.87
C GLN A 34 10.86 -9.35 -7.30
N ALA A 35 11.07 -9.71 -8.57
CA ALA A 35 12.41 -9.81 -9.14
C ALA A 35 13.16 -8.49 -9.06
N LYS A 36 12.44 -7.39 -9.31
CA LYS A 36 13.03 -6.05 -9.26
C LYS A 36 13.39 -5.57 -7.86
N ILE A 37 12.47 -5.73 -6.90
CA ILE A 37 12.74 -5.30 -5.55
C ILE A 37 13.83 -6.16 -4.94
N MET A 38 13.80 -7.44 -5.27
CA MET A 38 14.80 -8.39 -4.80
C MET A 38 16.10 -7.90 -5.40
N ALA A 39 16.10 -7.68 -6.71
CA ALA A 39 17.27 -7.20 -7.40
C ALA A 39 17.87 -5.94 -6.77
N TYR A 40 17.05 -4.96 -6.41
CA TYR A 40 17.56 -3.73 -5.80
C TYR A 40 18.25 -3.98 -4.46
N LEU A 41 17.61 -4.79 -3.62
CA LEU A 41 18.15 -5.12 -2.30
C LEU A 41 19.55 -5.69 -2.41
N GLN A 42 19.79 -6.49 -3.45
CA GLN A 42 21.10 -7.08 -3.69
C GLN A 42 22.06 -6.03 -4.23
N GLN A 43 21.65 -5.37 -5.32
CA GLN A 43 22.47 -4.34 -5.92
C GLN A 43 22.90 -3.32 -4.87
N GLU A 44 21.99 -2.97 -3.98
CA GLU A 44 22.27 -2.02 -2.91
C GLU A 44 23.42 -2.59 -2.08
N GLN A 45 23.29 -3.85 -1.69
CA GLN A 45 24.33 -4.55 -0.91
C GLN A 45 25.64 -4.52 -1.67
N ALA A 46 26.53 -3.59 -1.32
CA ALA A 46 27.81 -3.48 -1.98
C ALA A 46 28.60 -2.27 -1.49
N ASN A 47 28.77 -2.16 -0.18
CA ASN A 47 29.50 -1.02 0.37
C ASN A 47 29.71 -1.05 1.89
N ARG A 48 29.82 -2.24 2.47
CA ARG A 48 30.00 -2.33 3.91
C ARG A 48 30.77 -3.59 4.34
N SER A 49 32.04 -3.42 4.69
CA SER A 49 32.88 -4.53 5.11
C SER A 49 32.62 -4.85 6.58
N LYS A 53 26.98 -3.37 9.41
CA LYS A 53 25.99 -3.36 8.33
C LYS A 53 24.57 -3.41 8.90
N LEU A 54 23.58 -3.19 8.02
CA LEU A 54 22.16 -3.17 8.43
C LEU A 54 21.62 -4.46 9.03
N SER A 55 20.62 -4.30 9.90
CA SER A 55 19.99 -5.42 10.59
C SER A 55 18.78 -5.92 9.82
N THR A 56 18.07 -6.88 10.41
CA THR A 56 16.88 -7.43 9.77
C THR A 56 15.88 -6.31 9.53
N PHE A 57 15.61 -5.56 10.59
CA PHE A 57 14.69 -4.44 10.54
C PHE A 57 15.09 -3.46 9.43
N GLY A 58 16.35 -3.04 9.47
CA GLY A 58 16.86 -2.11 8.47
C GLY A 58 16.61 -2.59 7.05
N LEU A 59 16.64 -3.91 6.84
CA LEU A 59 16.41 -4.50 5.53
C LEU A 59 14.93 -4.45 5.16
N MET A 60 14.07 -4.75 6.13
CA MET A 60 12.63 -4.72 5.91
C MET A 60 12.22 -3.31 5.52
N CYS A 61 12.82 -2.32 6.15
CA CYS A 61 12.52 -0.94 5.83
C CYS A 61 12.79 -0.75 4.37
N LYS A 62 14.00 -1.12 3.94
CA LYS A 62 14.42 -1.00 2.55
C LYS A 62 13.46 -1.65 1.57
N MET A 63 12.94 -2.80 1.96
CA MET A 63 12.00 -3.56 1.15
C MET A 63 10.64 -2.85 1.12
N ALA A 64 10.28 -2.23 2.24
CA ALA A 64 9.03 -1.52 2.34
C ALA A 64 9.01 -0.26 1.48
N ASP A 65 10.04 0.58 1.54
CA ASP A 65 9.94 1.77 0.71
C ASP A 65 10.11 1.51 -0.76
N GLN A 66 10.56 0.31 -1.14
CA GLN A 66 10.66 -0.05 -2.55
C GLN A 66 9.24 -0.41 -2.97
N THR A 67 8.47 -0.93 -2.01
CA THR A 67 7.09 -1.28 -2.25
C THR A 67 6.33 0.01 -2.45
N LEU A 68 6.85 1.08 -1.88
CA LEU A 68 6.21 2.37 -1.98
C LEU A 68 6.42 2.96 -3.36
N PHE A 69 7.66 2.91 -3.85
CA PHE A 69 7.94 3.38 -5.20
C PHE A 69 7.00 2.66 -6.16
N SER A 70 6.89 1.34 -5.97
CA SER A 70 6.05 0.50 -6.79
C SER A 70 4.58 0.95 -6.77
N ILE A 71 4.09 1.30 -5.59
CA ILE A 71 2.70 1.72 -5.46
C ILE A 71 2.38 3.05 -6.13
N VAL A 72 3.29 4.00 -5.97
CA VAL A 72 3.15 5.34 -6.57
C VAL A 72 3.07 5.23 -8.10
N GLU A 73 3.83 4.31 -8.67
CA GLU A 73 3.80 4.14 -10.12
C GLU A 73 2.47 3.53 -10.51
N TRP A 74 1.95 2.67 -9.65
CA TRP A 74 0.68 2.03 -9.91
C TRP A 74 -0.45 3.06 -9.93
N ALA A 75 -0.40 4.02 -9.03
CA ALA A 75 -1.43 5.05 -8.97
C ALA A 75 -1.26 6.07 -10.09
N ARG A 76 -0.01 6.46 -10.35
CA ARG A 76 0.33 7.44 -11.37
C ARG A 76 -0.13 7.09 -12.79
N SER A 77 -0.10 5.82 -13.14
CA SER A 77 -0.53 5.40 -14.47
C SER A 77 -1.73 4.49 -14.30
N SER A 78 -2.71 4.96 -13.55
CA SER A 78 -3.91 4.20 -13.28
C SER A 78 -5.15 4.96 -13.73
N ILE A 79 -6.11 4.21 -14.26
CA ILE A 79 -7.35 4.81 -14.73
C ILE A 79 -7.87 5.77 -13.68
N PHE A 80 -8.20 6.98 -14.12
CA PHE A 80 -8.73 8.02 -13.24
C PHE A 80 -7.68 8.83 -12.48
N PHE A 81 -6.80 8.17 -11.75
CA PHE A 81 -5.80 8.92 -11.00
C PHE A 81 -4.96 9.77 -11.94
N ARG A 82 -4.60 9.18 -13.08
CA ARG A 82 -3.80 9.84 -14.12
C ARG A 82 -4.30 11.24 -14.49
N GLU A 83 -5.58 11.50 -14.28
CA GLU A 83 -6.19 12.78 -14.61
C GLU A 83 -6.25 13.84 -13.53
N LEU A 84 -5.56 13.61 -12.42
CA LEU A 84 -5.57 14.61 -11.35
C LEU A 84 -4.33 15.49 -11.41
N LYS A 85 -4.49 16.75 -11.02
CA LYS A 85 -3.35 17.66 -10.99
C LYS A 85 -2.42 17.02 -9.98
N VAL A 86 -1.12 17.17 -10.17
CA VAL A 86 -0.15 16.59 -9.23
C VAL A 86 -0.43 16.98 -7.78
N ASP A 87 -1.01 18.15 -7.58
CA ASP A 87 -1.32 18.59 -6.23
C ASP A 87 -2.41 17.71 -5.62
N ASP A 88 -3.39 17.33 -6.42
CA ASP A 88 -4.43 16.45 -5.90
C ASP A 88 -3.80 15.07 -5.68
N GLN A 89 -3.08 14.58 -6.68
CA GLN A 89 -2.41 13.28 -6.61
C GLN A 89 -1.62 13.15 -5.32
N MET A 90 -0.91 14.20 -4.94
CA MET A 90 -0.12 14.19 -3.72
C MET A 90 -0.99 14.13 -2.49
N LYS A 91 -2.04 14.94 -2.45
CA LYS A 91 -2.94 14.94 -1.29
C LYS A 91 -3.58 13.57 -1.04
N LEU A 92 -4.02 12.89 -2.11
CA LEU A 92 -4.62 11.57 -1.97
C LEU A 92 -3.60 10.51 -1.48
N LEU A 93 -2.42 10.47 -2.11
CA LEU A 93 -1.40 9.50 -1.74
C LEU A 93 -0.80 9.78 -0.36
N GLN A 94 -0.64 11.05 -0.01
CA GLN A 94 -0.11 11.36 1.31
C GLN A 94 -1.11 10.89 2.38
N ASN A 95 -2.37 10.74 1.98
CA ASN A 95 -3.43 10.32 2.89
C ASN A 95 -3.64 8.81 3.04
N CYS A 96 -3.29 8.05 2.01
CA CYS A 96 -3.48 6.60 2.04
C CYS A 96 -2.25 5.73 1.76
N TRP A 97 -1.06 6.32 1.72
CA TRP A 97 0.15 5.53 1.40
C TRP A 97 0.32 4.35 2.35
N SER A 98 0.31 4.61 3.65
CA SER A 98 0.48 3.53 4.60
C SER A 98 -0.67 2.54 4.48
N GLU A 99 -1.89 2.99 4.18
CA GLU A 99 -2.96 2.00 4.09
C GLU A 99 -2.87 1.21 2.78
N LEU A 100 -2.30 1.80 1.74
CA LEU A 100 -2.14 1.07 0.51
C LEU A 100 -1.09 -0.04 0.74
N LEU A 101 0.01 0.30 1.43
CA LEU A 101 1.03 -0.69 1.75
C LEU A 101 0.46 -1.85 2.60
N ILE A 102 -0.37 -1.52 3.59
CA ILE A 102 -0.97 -2.54 4.44
C ILE A 102 -1.92 -3.45 3.65
N LEU A 103 -2.75 -2.85 2.82
CA LEU A 103 -3.72 -3.60 2.01
C LEU A 103 -2.95 -4.51 1.07
N ASP A 104 -1.88 -3.97 0.54
CA ASP A 104 -1.02 -4.71 -0.34
C ASP A 104 -0.45 -5.95 0.35
N HIS A 105 0.14 -5.76 1.53
CA HIS A 105 0.71 -6.85 2.28
C HIS A 105 -0.34 -7.86 2.66
N ILE A 106 -1.53 -7.38 3.01
CA ILE A 106 -2.63 -8.24 3.45
C ILE A 106 -3.12 -9.13 2.32
N TYR A 107 -3.29 -8.53 1.14
CA TYR A 107 -3.77 -9.27 -0.02
C TYR A 107 -2.75 -10.32 -0.43
N ARG A 108 -1.48 -10.02 -0.20
CA ARG A 108 -0.40 -10.94 -0.50
C ARG A 108 -0.46 -12.17 0.40
N GLN A 109 -0.80 -12.00 1.68
CA GLN A 109 -0.90 -13.12 2.60
C GLN A 109 -2.09 -14.01 2.24
N VAL A 110 -3.17 -13.39 1.79
CA VAL A 110 -4.36 -14.15 1.43
C VAL A 110 -4.11 -15.00 0.18
N VAL A 111 -3.62 -14.34 -0.86
CA VAL A 111 -3.32 -15.02 -2.11
C VAL A 111 -2.16 -16.02 -2.03
N HIS A 112 -1.07 -15.65 -1.36
CA HIS A 112 0.10 -16.53 -1.27
C HIS A 112 0.45 -17.08 0.11
N GLY A 113 0.23 -16.27 1.14
CA GLY A 113 0.54 -16.68 2.50
C GLY A 113 0.01 -18.05 2.88
N LYS A 114 0.39 -18.53 4.06
CA LYS A 114 -0.06 -19.83 4.53
C LYS A 114 -0.32 -19.90 6.04
N GLU A 115 0.39 -20.79 6.71
CA GLU A 115 0.23 -20.97 8.15
C GLU A 115 1.57 -20.76 8.83
N GLY A 116 1.60 -19.88 9.81
CA GLY A 116 2.84 -19.59 10.52
C GLY A 116 3.96 -19.27 9.55
N SER A 117 3.67 -18.41 8.56
CA SER A 117 4.65 -18.01 7.56
C SER A 117 4.17 -16.78 6.80
N ILE A 118 4.99 -15.73 6.85
CA ILE A 118 4.71 -14.47 6.18
C ILE A 118 5.33 -14.45 4.78
N PHE A 119 4.54 -14.13 3.78
CA PHE A 119 5.00 -14.05 2.40
C PHE A 119 5.46 -12.61 2.13
N LEU A 120 6.76 -12.42 1.96
CA LEU A 120 7.31 -11.10 1.69
C LEU A 120 7.04 -10.63 0.25
N VAL A 121 7.22 -9.33 -0.02
CA VAL A 121 6.99 -8.78 -1.37
C VAL A 121 8.03 -9.30 -2.39
N THR A 122 9.21 -9.66 -1.90
CA THR A 122 10.26 -10.17 -2.77
C THR A 122 9.99 -11.60 -3.28
N GLY A 123 8.92 -12.23 -2.78
CA GLY A 123 8.58 -13.57 -3.24
C GLY A 123 8.85 -14.76 -2.33
N GLN A 124 9.45 -14.55 -1.15
CA GLN A 124 9.75 -15.66 -0.27
C GLN A 124 8.90 -15.79 0.98
N GLN A 125 8.67 -17.04 1.39
CA GLN A 125 7.91 -17.35 2.60
C GLN A 125 8.91 -17.28 3.74
N VAL A 126 8.41 -16.98 4.93
CA VAL A 126 9.27 -16.88 6.11
C VAL A 126 8.44 -17.29 7.32
N ASP A 127 8.73 -18.47 7.88
CA ASP A 127 7.98 -18.91 9.06
C ASP A 127 7.85 -17.76 10.04
N TYR A 128 6.66 -17.64 10.62
CA TYR A 128 6.33 -16.61 11.60
C TYR A 128 7.34 -16.51 12.76
N SER A 129 7.88 -17.65 13.19
CA SER A 129 8.85 -17.72 14.29
C SER A 129 10.14 -16.93 14.07
N ILE A 130 10.52 -16.77 12.81
CA ILE A 130 11.72 -16.02 12.44
C ILE A 130 11.48 -14.53 12.71
N ILE A 131 10.21 -14.15 12.68
CA ILE A 131 9.76 -12.78 12.92
C ILE A 131 9.44 -12.63 14.42
N ALA A 132 8.62 -13.56 14.91
CA ALA A 132 8.19 -13.59 16.31
C ALA A 132 9.38 -13.60 17.28
N SER A 133 10.34 -14.49 17.04
CA SER A 133 11.52 -14.59 17.89
C SER A 133 12.02 -13.24 18.41
N GLN A 134 12.33 -12.32 17.50
CA GLN A 134 12.82 -11.01 17.90
C GLN A 134 11.84 -9.85 17.67
N ALA A 135 10.69 -9.89 18.33
CA ALA A 135 9.70 -8.83 18.17
C ALA A 135 9.28 -8.24 19.52
N GLY A 136 9.16 -6.93 19.58
CA GLY A 136 8.77 -6.26 20.80
C GLY A 136 7.27 -6.11 20.95
N ALA A 137 6.85 -5.40 22.01
CA ALA A 137 5.44 -5.19 22.34
C ALA A 137 4.62 -4.47 21.26
N THR A 138 5.12 -3.33 20.80
CA THR A 138 4.43 -2.55 19.76
C THR A 138 4.24 -3.37 18.48
N LEU A 139 5.34 -3.90 17.96
CA LEU A 139 5.29 -4.70 16.75
C LEU A 139 4.42 -5.93 16.90
N ASN A 140 4.33 -6.47 18.12
CA ASN A 140 3.50 -7.64 18.35
C ASN A 140 2.02 -7.37 18.20
N ASN A 141 1.55 -6.26 18.77
CA ASN A 141 0.14 -5.86 18.66
C ASN A 141 -0.22 -5.66 17.19
N LEU A 142 0.67 -4.99 16.48
CA LEU A 142 0.53 -4.68 15.07
C LEU A 142 0.46 -5.95 14.22
N MET A 143 1.42 -6.85 14.39
CA MET A 143 1.44 -8.08 13.62
C MET A 143 0.23 -8.93 13.94
N SER A 144 -0.28 -8.80 15.16
CA SER A 144 -1.44 -9.56 15.55
C SER A 144 -2.70 -8.98 14.90
N HIS A 145 -2.83 -7.65 14.92
CA HIS A 145 -4.00 -7.02 14.31
C HIS A 145 -4.05 -7.42 12.84
N ALA A 146 -2.92 -7.32 12.16
CA ALA A 146 -2.83 -7.69 10.75
C ALA A 146 -3.25 -9.13 10.53
N GLN A 147 -2.84 -10.00 11.44
CA GLN A 147 -3.16 -11.41 11.36
C GLN A 147 -4.67 -11.60 11.36
N GLU A 148 -5.31 -10.97 12.34
CA GLU A 148 -6.75 -11.03 12.49
C GLU A 148 -7.44 -10.63 11.18
N LEU A 149 -6.96 -9.54 10.58
CA LEU A 149 -7.52 -9.02 9.33
C LEU A 149 -7.28 -9.96 8.15
N VAL A 150 -6.08 -10.49 8.05
CA VAL A 150 -5.74 -11.41 6.97
C VAL A 150 -6.65 -12.63 7.03
N ALA A 151 -6.92 -13.10 8.24
CA ALA A 151 -7.78 -14.27 8.46
C ALA A 151 -9.24 -13.95 8.15
N LYS A 152 -9.69 -12.77 8.56
CA LYS A 152 -11.07 -12.38 8.29
C LYS A 152 -11.32 -12.37 6.80
N LEU A 153 -10.30 -11.98 6.02
CA LEU A 153 -10.40 -11.96 4.56
C LEU A 153 -10.31 -13.34 3.91
N ARG A 154 -9.53 -14.25 4.49
CA ARG A 154 -9.47 -15.61 3.94
C ARG A 154 -10.87 -16.16 4.12
N SER A 155 -11.44 -15.91 5.29
CA SER A 155 -12.79 -16.32 5.64
C SER A 155 -13.89 -15.82 4.68
N LEU A 156 -13.67 -14.67 4.05
CA LEU A 156 -14.64 -14.10 3.12
C LEU A 156 -14.34 -14.50 1.68
N GLN A 157 -13.23 -15.21 1.48
CA GLN A 157 -12.82 -15.60 0.14
C GLN A 157 -12.60 -14.32 -0.65
N PHE A 158 -11.79 -13.44 -0.10
CA PHE A 158 -11.46 -12.15 -0.71
C PHE A 158 -10.74 -12.41 -2.03
N ASP A 159 -11.27 -11.92 -3.15
CA ASP A 159 -10.62 -12.13 -4.44
C ASP A 159 -10.01 -10.86 -5.02
N GLN A 160 -9.30 -11.00 -6.13
CA GLN A 160 -8.65 -9.87 -6.76
C GLN A 160 -9.62 -8.77 -7.21
N ARG A 161 -10.77 -9.17 -7.74
CA ARG A 161 -11.76 -8.18 -8.19
C ARG A 161 -12.11 -7.29 -7.00
N GLU A 162 -12.47 -7.93 -5.88
CA GLU A 162 -12.81 -7.22 -4.65
C GLU A 162 -11.61 -6.41 -4.16
N PHE A 163 -10.41 -6.95 -4.35
CA PHE A 163 -9.18 -6.30 -3.93
C PHE A 163 -8.95 -4.93 -4.59
N VAL A 164 -8.94 -4.88 -5.92
CA VAL A 164 -8.73 -3.62 -6.62
C VAL A 164 -9.81 -2.59 -6.28
N CYS A 165 -11.04 -3.05 -6.04
CA CYS A 165 -12.12 -2.13 -5.64
C CYS A 165 -11.75 -1.49 -4.31
N LEU A 166 -11.33 -2.32 -3.35
CA LEU A 166 -10.95 -1.79 -2.07
C LEU A 166 -9.78 -0.79 -2.24
N LYS A 167 -8.84 -1.09 -3.13
CA LYS A 167 -7.73 -0.17 -3.32
C LYS A 167 -8.20 1.20 -3.78
N PHE A 168 -9.09 1.22 -4.76
CA PHE A 168 -9.57 2.52 -5.23
C PHE A 168 -10.41 3.24 -4.19
N LEU A 169 -11.22 2.50 -3.43
CA LEU A 169 -12.01 3.13 -2.39
C LEU A 169 -11.08 3.73 -1.33
N VAL A 170 -9.88 3.15 -1.22
CA VAL A 170 -8.87 3.58 -0.29
C VAL A 170 -8.13 4.80 -0.82
N LEU A 171 -7.77 4.72 -2.11
CA LEU A 171 -7.04 5.79 -2.77
C LEU A 171 -7.87 7.06 -2.86
N PHE A 172 -9.04 6.91 -3.48
CA PHE A 172 -9.98 8.01 -3.68
C PHE A 172 -10.88 8.24 -2.47
N SER A 173 -10.25 8.58 -1.35
CA SER A 173 -10.95 8.83 -0.10
C SER A 173 -11.70 10.16 -0.16
N LEU A 174 -12.80 10.27 0.59
CA LEU A 174 -13.56 11.52 0.59
C LEU A 174 -13.28 12.28 1.88
N ASP A 175 -12.23 11.88 2.58
CA ASP A 175 -11.84 12.50 3.83
C ASP A 175 -10.66 13.45 3.65
N VAL A 176 -10.15 13.57 2.43
CA VAL A 176 -9.02 14.45 2.15
C VAL A 176 -9.48 15.85 1.73
N LYS A 177 -9.01 16.84 2.47
CA LYS A 177 -9.36 18.23 2.24
C LYS A 177 -8.42 18.94 1.24
N ASN A 178 -8.75 20.20 0.94
CA ASN A 178 -8.00 21.04 0.02
C ASN A 178 -7.87 20.39 -1.35
N LEU A 179 -8.81 19.52 -1.68
CA LEU A 179 -8.79 18.83 -2.95
C LEU A 179 -9.43 19.75 -3.99
N GLU A 180 -8.75 19.92 -5.11
CA GLU A 180 -9.27 20.76 -6.17
C GLU A 180 -10.38 20.08 -6.95
N ASN A 181 -10.02 19.04 -7.69
CA ASN A 181 -10.99 18.31 -8.49
C ASN A 181 -11.83 17.34 -7.65
N PHE A 182 -12.27 17.79 -6.48
CA PHE A 182 -13.06 16.93 -5.61
C PHE A 182 -14.15 16.16 -6.34
N GLN A 183 -14.81 16.82 -7.30
CA GLN A 183 -15.88 16.18 -8.05
C GLN A 183 -15.50 14.86 -8.71
N LEU A 184 -14.22 14.68 -9.04
CA LEU A 184 -13.77 13.43 -9.66
C LEU A 184 -13.57 12.33 -8.61
N VAL A 185 -13.12 12.72 -7.41
CA VAL A 185 -12.88 11.78 -6.32
C VAL A 185 -14.19 11.08 -6.00
N GLU A 186 -15.23 11.87 -5.78
CA GLU A 186 -16.55 11.32 -5.49
C GLU A 186 -17.05 10.45 -6.63
N GLY A 187 -16.79 10.88 -7.86
CA GLY A 187 -17.24 10.10 -9.00
C GLY A 187 -16.82 8.65 -8.90
N VAL A 188 -15.50 8.44 -8.78
CA VAL A 188 -14.95 7.09 -8.68
C VAL A 188 -15.39 6.43 -7.38
N GLN A 189 -15.35 7.18 -6.29
CA GLN A 189 -15.78 6.63 -5.01
C GLN A 189 -17.15 5.96 -5.17
N GLU A 190 -18.16 6.74 -5.54
CA GLU A 190 -19.53 6.24 -5.74
C GLU A 190 -19.61 5.20 -6.85
N GLN A 191 -18.78 5.37 -7.87
CA GLN A 191 -18.76 4.47 -9.02
C GLN A 191 -18.17 3.12 -8.70
N VAL A 192 -17.03 3.10 -8.01
CA VAL A 192 -16.38 1.85 -7.64
C VAL A 192 -17.23 1.21 -6.56
N ASN A 193 -17.78 2.04 -5.69
CA ASN A 193 -18.65 1.56 -4.64
C ASN A 193 -19.74 0.75 -5.31
N ALA A 194 -20.48 1.40 -6.22
CA ALA A 194 -21.57 0.77 -6.96
C ALA A 194 -21.15 -0.46 -7.77
N ALA A 195 -19.96 -0.43 -8.35
CA ALA A 195 -19.51 -1.59 -9.11
C ALA A 195 -19.42 -2.77 -8.17
N LEU A 196 -18.75 -2.57 -7.03
CA LEU A 196 -18.59 -3.62 -6.04
C LEU A 196 -19.94 -4.15 -5.58
N LEU A 197 -20.89 -3.25 -5.37
CA LEU A 197 -22.24 -3.63 -4.93
C LEU A 197 -22.85 -4.61 -5.91
N ASP A 198 -22.68 -4.36 -7.20
CA ASP A 198 -23.20 -5.25 -8.25
C ASP A 198 -22.41 -6.55 -8.28
N TYR A 199 -21.09 -6.42 -8.36
CA TYR A 199 -20.22 -7.58 -8.43
C TYR A 199 -20.54 -8.63 -7.36
N THR A 200 -20.63 -8.21 -6.11
CA THR A 200 -20.90 -9.16 -5.03
C THR A 200 -22.26 -9.82 -5.09
N MET A 201 -23.29 -9.09 -5.52
CA MET A 201 -24.61 -9.69 -5.59
C MET A 201 -24.77 -10.64 -6.77
N CYS A 202 -23.99 -10.42 -7.82
CA CYS A 202 -24.04 -11.28 -8.99
C CYS A 202 -23.18 -12.53 -8.85
N ASN A 203 -21.97 -12.37 -8.31
CA ASN A 203 -21.08 -13.51 -8.12
C ASN A 203 -21.28 -14.24 -6.79
N TYR A 204 -21.96 -13.63 -5.83
CA TYR A 204 -22.20 -14.28 -4.54
C TYR A 204 -23.60 -14.03 -3.97
N PRO A 205 -24.66 -14.49 -4.67
CA PRO A 205 -26.06 -14.33 -4.26
C PRO A 205 -26.44 -14.89 -2.88
N GLN A 206 -26.08 -16.15 -2.61
CA GLN A 206 -26.40 -16.76 -1.32
C GLN A 206 -25.58 -16.20 -0.14
N GLN A 207 -24.82 -15.14 -0.39
CA GLN A 207 -24.01 -14.51 0.63
C GLN A 207 -24.21 -13.00 0.48
N THR A 208 -25.38 -12.51 0.86
CA THR A 208 -25.67 -11.09 0.73
C THR A 208 -24.84 -10.18 1.64
N GLU A 209 -24.16 -10.76 2.62
CA GLU A 209 -23.34 -9.99 3.55
C GLU A 209 -21.93 -9.70 3.02
N LYS A 210 -21.57 -10.31 1.90
CA LYS A 210 -20.24 -10.14 1.32
C LYS A 210 -19.86 -8.69 1.17
N PHE A 211 -20.74 -7.91 0.56
CA PHE A 211 -20.49 -6.49 0.36
C PHE A 211 -20.14 -5.79 1.67
N GLY A 212 -21.02 -5.89 2.65
CA GLY A 212 -20.79 -5.25 3.93
C GLY A 212 -19.47 -5.59 4.60
N GLN A 213 -19.17 -6.88 4.71
CA GLN A 213 -17.92 -7.30 5.33
C GLN A 213 -16.69 -6.70 4.65
N LEU A 214 -16.73 -6.56 3.32
CA LEU A 214 -15.61 -5.97 2.61
C LEU A 214 -15.46 -4.50 3.01
N LEU A 215 -16.56 -3.75 2.95
CA LEU A 215 -16.52 -2.35 3.32
C LEU A 215 -16.04 -2.11 4.75
N LEU A 216 -16.38 -3.03 5.66
CA LEU A 216 -16.00 -2.89 7.05
C LEU A 216 -14.52 -3.17 7.39
N ARG A 217 -13.78 -3.66 6.40
CA ARG A 217 -12.37 -3.93 6.56
C ARG A 217 -11.62 -2.61 6.38
N LEU A 218 -12.23 -1.69 5.63
CA LEU A 218 -11.58 -0.41 5.39
C LEU A 218 -11.20 0.31 6.69
N PRO A 219 -12.15 0.41 7.63
CA PRO A 219 -11.80 1.09 8.89
C PRO A 219 -10.64 0.35 9.59
N GLU A 220 -10.65 -0.98 9.53
CA GLU A 220 -9.58 -1.76 10.12
C GLU A 220 -8.24 -1.47 9.43
N ILE A 221 -8.23 -1.45 8.11
CA ILE A 221 -7.00 -1.15 7.38
C ILE A 221 -6.50 0.26 7.72
N ARG A 222 -7.43 1.16 7.98
CA ARG A 222 -7.07 2.53 8.35
C ARG A 222 -6.36 2.52 9.72
N ALA A 223 -6.93 1.80 10.67
CA ALA A 223 -6.38 1.68 12.02
C ALA A 223 -4.99 1.03 12.06
N ILE A 224 -4.88 -0.15 11.49
CA ILE A 224 -3.61 -0.86 11.45
C ILE A 224 -2.55 0.04 10.85
N SER A 225 -2.89 0.75 9.78
CA SER A 225 -1.94 1.64 9.14
C SER A 225 -1.54 2.83 10.01
N MET A 226 -2.46 3.31 10.85
CA MET A 226 -2.14 4.42 11.77
C MET A 226 -1.09 3.90 12.75
N GLN A 227 -1.37 2.73 13.30
CA GLN A 227 -0.48 2.09 14.23
C GLN A 227 0.88 1.85 13.60
N ALA A 228 0.89 1.27 12.40
CA ALA A 228 2.15 0.99 11.72
C ALA A 228 3.00 2.24 11.54
N GLU A 229 2.37 3.40 11.34
CA GLU A 229 3.13 4.64 11.18
C GLU A 229 3.70 5.11 12.51
N GLU A 230 2.92 4.97 13.57
CA GLU A 230 3.40 5.39 14.87
C GLU A 230 4.55 4.51 15.31
N TYR A 231 4.43 3.22 15.04
CA TYR A 231 5.46 2.26 15.37
C TYR A 231 6.71 2.53 14.57
N LEU A 232 6.54 2.93 13.31
CA LEU A 232 7.68 3.22 12.46
C LEU A 232 8.33 4.55 12.84
N TYR A 233 7.53 5.49 13.35
CA TYR A 233 8.10 6.77 13.77
C TYR A 233 8.97 6.51 14.99
N TYR A 234 8.47 5.66 15.88
CA TYR A 234 9.19 5.28 17.09
C TYR A 234 10.54 4.67 16.71
N LYS A 235 10.54 3.71 15.80
CA LYS A 235 11.76 3.05 15.36
C LYS A 235 12.74 4.08 14.77
N HIS A 236 12.21 5.08 14.09
CA HIS A 236 13.03 6.12 13.51
C HIS A 236 13.61 7.08 14.56
N LEU A 237 12.85 7.33 15.62
CA LEU A 237 13.32 8.20 16.68
C LEU A 237 14.36 7.45 17.50
N ASN A 238 14.22 6.13 17.57
CA ASN A 238 15.13 5.26 18.29
C ASN A 238 16.36 4.93 17.45
N GLY A 239 16.57 5.71 16.37
CA GLY A 239 17.68 5.50 15.47
C GLY A 239 17.77 4.14 14.80
N ASP A 240 16.65 3.45 14.65
CA ASP A 240 16.64 2.12 14.06
C ASP A 240 16.44 2.10 12.55
N VAL A 241 16.03 3.23 11.98
CA VAL A 241 15.75 3.32 10.56
C VAL A 241 16.85 3.92 9.71
N PRO A 242 17.15 3.29 8.56
CA PRO A 242 18.18 3.72 7.61
C PRO A 242 18.05 5.17 7.12
N TYR A 243 19.20 5.82 7.02
CA TYR A 243 19.31 7.20 6.59
C TYR A 243 18.35 7.58 5.46
N ASN A 244 17.43 8.49 5.78
CA ASN A 244 16.42 9.03 4.87
C ASN A 244 15.69 8.17 3.83
N ASN A 245 15.04 7.07 4.23
CA ASN A 245 14.33 6.29 3.22
C ASN A 245 13.01 7.00 2.90
N LEU A 246 12.31 6.59 1.84
CA LEU A 246 11.06 7.25 1.46
C LEU A 246 10.01 7.27 2.54
N LEU A 247 9.78 6.13 3.20
CA LEU A 247 8.76 6.06 4.25
C LEU A 247 8.89 7.17 5.27
N ILE A 248 10.10 7.39 5.77
CA ILE A 248 10.32 8.45 6.76
C ILE A 248 10.04 9.81 6.14
N GLU A 249 10.36 9.97 4.85
CA GLU A 249 10.11 11.23 4.14
C GLU A 249 8.61 11.44 3.92
N MET A 250 7.85 10.35 3.99
CA MET A 250 6.39 10.44 3.84
C MET A 250 5.83 10.82 5.22
N LEU A 251 6.26 10.11 6.26
CA LEU A 251 5.83 10.41 7.63
C LEU A 251 6.06 11.89 7.95
N HIS A 252 7.08 12.49 7.34
CA HIS A 252 7.34 13.91 7.54
C HIS A 252 6.30 14.67 6.70
N ALA A 253 5.20 15.05 7.35
CA ALA A 253 4.09 15.77 6.71
C ALA A 253 2.90 15.85 7.65
N ASN B 3 6.61 18.05 0.66
CA ASN B 3 7.00 16.66 0.32
C ASN B 3 7.62 16.61 -1.07
N ALA B 4 8.93 16.88 -1.14
CA ALA B 4 9.64 16.90 -2.42
C ALA B 4 9.71 15.55 -3.12
N LEU B 5 10.10 14.51 -2.38
CA LEU B 5 10.24 13.16 -2.94
C LEU B 5 9.00 12.63 -3.61
N LEU B 6 7.87 12.73 -2.93
CA LEU B 6 6.61 12.26 -3.49
C LEU B 6 6.32 13.04 -4.79
N ARG B 7 6.50 14.36 -4.77
CA ARG B 7 6.28 15.17 -5.98
C ARG B 7 7.19 14.63 -7.09
N TYR B 8 8.45 14.39 -6.75
CA TYR B 8 9.40 13.87 -7.72
C TYR B 8 8.89 12.58 -8.38
N LEU B 9 8.45 11.61 -7.58
CA LEU B 9 7.98 10.32 -8.09
C LEU B 9 6.81 10.40 -9.04
N LEU B 10 5.97 11.41 -8.88
CA LEU B 10 4.81 11.58 -9.74
C LEU B 10 5.13 12.40 -10.99
N ASP B 11 6.09 13.31 -10.86
CA ASP B 11 6.51 14.15 -11.99
C ASP B 11 7.64 13.52 -12.77
N LYS B 12 8.47 12.73 -12.12
CA LYS B 12 9.61 12.09 -12.78
C LYS B 12 9.21 11.49 -14.11
N ASP B 13 10.20 11.07 -14.87
CA ASP B 13 10.03 10.44 -16.19
C ASP B 13 8.61 10.47 -16.76
N LYS C 1 7.81 20.01 -12.53
CA LYS C 1 7.78 21.45 -12.92
C LYS C 1 9.18 22.07 -12.86
N GLU C 2 9.89 22.00 -13.99
CA GLU C 2 11.26 22.51 -14.14
C GLU C 2 12.24 21.33 -14.03
N ASN C 3 11.87 20.22 -14.65
CA ASN C 3 12.68 19.01 -14.57
C ASN C 3 12.57 18.49 -13.13
N ALA C 4 11.93 17.33 -12.99
CA ALA C 4 11.69 16.71 -11.70
C ALA C 4 12.87 16.70 -10.73
N LEU C 5 13.97 16.07 -11.13
CA LEU C 5 15.15 15.96 -10.28
C LEU C 5 15.65 17.30 -9.78
N LEU C 6 15.77 18.25 -10.70
CA LEU C 6 16.24 19.57 -10.35
C LEU C 6 15.40 20.15 -9.21
N ARG C 7 14.07 20.12 -9.38
CA ARG C 7 13.17 20.63 -8.37
C ARG C 7 13.29 19.85 -7.06
N TYR C 8 13.40 18.52 -7.18
CA TYR C 8 13.55 17.69 -6.01
C TYR C 8 14.79 18.10 -5.24
N LEU C 9 15.84 18.48 -5.96
CA LEU C 9 17.09 18.90 -5.34
C LEU C 9 17.00 20.28 -4.67
N LEU C 10 16.32 21.22 -5.33
CA LEU C 10 16.12 22.55 -4.75
C LEU C 10 15.27 22.43 -3.50
N ASP C 11 14.14 21.74 -3.63
CA ASP C 11 13.17 21.56 -2.56
C ASP C 11 13.53 20.61 -1.42
N LYS C 12 13.98 19.40 -1.74
CA LYS C 12 14.28 18.43 -0.71
C LYS C 12 15.02 19.00 0.49
N ASP C 13 14.71 18.44 1.66
CA ASP C 13 15.33 18.84 2.92
C ASP C 13 16.58 17.98 3.13
N ASP C 14 17.71 18.63 3.39
CA ASP C 14 19.00 17.96 3.59
C ASP C 14 19.70 17.72 2.25
C1 P6L D . 10.12 -3.19 19.00
C2 P6L D . 8.98 -3.00 20.01
O3 P6L D . 7.81 -2.92 19.26
O4 P6L D . 12.33 -6.01 12.76
C5 P6L D . 11.87 -6.63 13.95
C6 P6L D . 12.86 -7.77 14.19
C7 P6L D . 11.72 -5.58 15.04
O8 P6L D . 12.88 -8.52 12.97
O9 P6L D . 11.10 -5.90 16.31
O10 P6L D . 11.03 -3.43 16.18
P11 P6L D . 11.11 -4.57 17.13
O12 P6L D . 9.95 -4.42 18.17
O13 P6L D . 12.42 -4.46 17.86
C14 P6L D . 11.52 -5.95 11.65
O15 P6L D . 12.03 -5.65 10.58
C16 P6L D . 11.81 -9.34 12.69
O17 P6L D . 10.84 -9.34 13.45
C18 P6L D . 10.04 -6.29 11.74
C19 P6L D . 9.24 -5.80 10.53
C20 P6L D . 9.47 -4.33 10.30
C21 P6L D . 8.71 -3.80 9.11
C22 P6L D . 9.14 -2.38 8.82
C23 P6L D . 8.26 -1.70 7.79
C24 P6L D . 6.83 -1.65 8.27
C25 P6L D . 6.78 -1.28 9.75
C26 P6L D . 5.35 -1.11 10.26
C27 P6L D . 11.84 -10.20 11.44
C28 P6L D . 11.32 -9.50 10.17
C29 P6L D . 9.83 -9.11 10.26
C30 P6L D . 9.18 -9.12 8.87
C31 P6L D . 7.82 -8.41 8.84
C32 P6L D . 7.11 -8.69 7.51
C33 P6L D . 6.07 -7.63 7.17
C34 P6L D . 6.72 -6.27 6.98
C35 P6L D . 6.03 -5.45 5.90
C36 P6L D . 4.55 -5.23 6.20
C37 P6L D . 4.45 -2.30 9.93
C38 P6L D . 3.88 -4.45 5.07
C39 P6L D . 4.31 -3.00 5.04
C40 P6L D . 3.58 -2.19 6.10
C41 P6L D . 4.03 -0.74 6.11
C42 P6L D . 3.16 0.08 7.05
C43 P6L D . 3.71 1.48 7.25
C44 P6L D . 5.03 1.39 7.99
C45 P6L D . 5.03 -3.63 10.38
C46 P6L D . 3.95 -4.70 10.44
C47 P6L D . 3.12 -4.74 9.17
C48 P6L D . 1.97 -5.72 9.32
C49 P6L D . 2.54 -7.05 9.75
C50 P6L D . 9.07 -1.77 20.92
O51 P6L D . 7.94 -1.76 21.76
#